data_1RC7
#
_entry.id   1RC7
#
_cell.length_a   58.286
_cell.length_b   118.142
_cell.length_c   106.665
_cell.angle_alpha   90.00
_cell.angle_beta   90.00
_cell.angle_gamma   90.00
#
_symmetry.space_group_name_H-M   'C 2 2 21'
#
loop_
_entity.id
_entity.type
_entity.pdbx_description
1 polymer "5'-R(*GP*GP*CP*GP*CP*GP*CP*GP*CP*C)-3'"
2 polymer 'Ribonuclease III'
3 non-polymer 2-AMINO-2-HYDROXYMETHYL-PROPANE-1,3-DIOL
4 water water
#
loop_
_entity_poly.entity_id
_entity_poly.type
_entity_poly.pdbx_seq_one_letter_code
_entity_poly.pdbx_strand_id
1 'polyribonucleotide' GGCGCGCGCC B,C,D,E
2 'polypeptide(L)'
;MKMLEQLEKKLGYTFKDKSLLEKALTHVSYSKKEHYETLEFLGDALVNFFIVDLLVQYSPNKREGFLSPLKAYLISEEFF
NLLAQKLELHKFIRIKRGKINETIIGDVFKALWAAVYIDSGRDANFTRELFYKLFKEDILSAIKEGRVKKDYKTILQEIT
QKRWKERPEYRLISVEGPHHKKKFIVEAKIKEYRTLGEGKSKKEAEQRAAEELIKLLEES
;
A
#
# COMPACT_ATOMS: atom_id res chain seq x y z
N MET E 1 -0.93 -28.27 17.86
CA MET E 1 -1.22 -28.52 16.42
C MET E 1 -0.10 -27.97 15.56
N LYS E 2 0.02 -28.49 14.34
CA LYS E 2 1.06 -28.02 13.42
C LYS E 2 0.86 -26.56 13.06
N MET E 3 1.93 -25.91 12.62
CA MET E 3 1.84 -24.52 12.27
C MET E 3 0.83 -24.20 11.17
N LEU E 4 0.76 -25.04 10.14
CA LEU E 4 -0.20 -24.79 9.07
C LEU E 4 -1.62 -24.77 9.63
N GLU E 5 -1.89 -25.67 10.57
CA GLU E 5 -3.21 -25.74 11.19
C GLU E 5 -3.50 -24.45 11.95
N GLN E 6 -2.52 -23.97 12.71
CA GLN E 6 -2.68 -22.73 13.49
C GLN E 6 -3.12 -21.59 12.58
N LEU E 7 -2.47 -21.47 11.43
CA LEU E 7 -2.81 -20.42 10.48
C LEU E 7 -4.17 -20.68 9.84
N GLU E 8 -4.45 -21.93 9.51
CA GLU E 8 -5.74 -22.25 8.90
C GLU E 8 -6.85 -21.87 9.87
N LYS E 9 -6.57 -22.02 11.16
CA LYS E 9 -7.56 -21.68 12.18
C LYS E 9 -7.78 -20.17 12.23
N LYS E 10 -6.69 -19.42 12.20
CA LYS E 10 -6.81 -17.97 12.24
C LYS E 10 -7.52 -17.52 10.98
N LEU E 11 -7.30 -18.28 9.91
CA LEU E 11 -7.87 -17.97 8.62
C LEU E 11 -9.33 -18.39 8.50
N GLY E 12 -9.69 -19.47 9.18
CA GLY E 12 -11.04 -19.95 9.10
C GLY E 12 -11.24 -20.73 7.82
N TYR E 13 -10.15 -21.25 7.28
CA TYR E 13 -10.19 -22.04 6.05
C TYR E 13 -9.12 -23.12 6.13
N THR E 14 -9.46 -24.31 5.65
CA THR E 14 -8.55 -25.45 5.68
C THR E 14 -8.20 -25.83 4.25
N PHE E 15 -6.91 -25.89 3.94
CA PHE E 15 -6.47 -26.21 2.59
C PHE E 15 -6.61 -27.67 2.23
N LYS E 16 -6.88 -27.93 0.95
CA LYS E 16 -6.97 -29.27 0.45
C LYS E 16 -5.57 -29.67 0.05
N ASP E 17 -4.86 -28.69 -0.49
CA ASP E 17 -3.50 -28.86 -0.94
C ASP E 17 -2.55 -28.04 -0.07
N LYS E 18 -2.09 -28.62 1.04
CA LYS E 18 -1.21 -27.92 1.97
C LYS E 18 0.05 -27.31 1.36
N SER E 19 0.53 -27.87 0.26
CA SER E 19 1.75 -27.36 -0.37
C SER E 19 1.53 -25.96 -0.91
N LEU E 20 0.28 -25.66 -1.22
CA LEU E 20 -0.09 -24.36 -1.76
C LEU E 20 0.09 -23.32 -0.68
N LEU E 21 -0.42 -23.64 0.51
CA LEU E 21 -0.31 -22.74 1.63
C LEU E 21 1.14 -22.57 2.03
N GLU E 22 1.86 -23.67 2.08
CA GLU E 22 3.26 -23.59 2.47
C GLU E 22 4.06 -22.78 1.48
N LYS E 23 3.75 -22.90 0.19
CA LYS E 23 4.48 -22.14 -0.80
C LYS E 23 4.24 -20.64 -0.63
N ALA E 24 3.01 -20.26 -0.27
CA ALA E 24 2.68 -18.85 -0.07
C ALA E 24 3.51 -18.25 1.07
N LEU E 25 3.88 -19.10 2.02
CA LEU E 25 4.66 -18.71 3.18
C LEU E 25 6.18 -18.81 2.97
N THR E 26 6.59 -19.22 1.77
CA THR E 26 8.01 -19.47 1.53
C THR E 26 8.74 -18.43 0.71
N HIS E 27 9.68 -17.75 1.35
CA HIS E 27 10.49 -16.75 0.69
C HIS E 27 11.59 -17.42 -0.12
N VAL E 28 11.98 -16.80 -1.22
CA VAL E 28 13.02 -17.35 -2.08
C VAL E 28 14.33 -17.62 -1.31
N SER E 29 14.60 -16.87 -0.25
CA SER E 29 15.83 -17.06 0.51
C SER E 29 15.87 -18.42 1.21
N TYR E 30 14.70 -18.97 1.49
CA TYR E 30 14.63 -20.27 2.15
C TYR E 30 14.61 -21.40 1.13
N SER E 31 14.11 -21.13 -0.06
CA SER E 31 14.05 -22.15 -1.10
C SER E 31 14.01 -21.54 -2.49
N LYS E 32 15.00 -21.88 -3.31
CA LYS E 32 15.10 -21.36 -4.66
C LYS E 32 13.92 -21.80 -5.53
N LYS E 33 13.26 -22.86 -5.12
CA LYS E 33 12.13 -23.37 -5.86
C LYS E 33 10.88 -23.42 -5.00
N GLU E 34 9.73 -23.25 -5.64
CA GLU E 34 8.45 -23.25 -4.96
C GLU E 34 8.34 -22.23 -3.83
N HIS E 35 8.64 -20.97 -4.14
CA HIS E 35 8.47 -19.93 -3.15
C HIS E 35 7.29 -19.05 -3.57
N TYR E 36 6.94 -18.04 -2.79
CA TYR E 36 5.71 -17.30 -3.02
C TYR E 36 5.60 -16.37 -4.22
N GLU E 37 6.70 -16.06 -4.88
CA GLU E 37 6.68 -15.08 -5.99
C GLU E 37 5.43 -15.07 -6.93
N THR E 38 5.12 -16.18 -7.59
CA THR E 38 3.99 -16.20 -8.51
C THR E 38 2.65 -15.99 -7.80
N LEU E 39 2.51 -16.51 -6.60
CA LEU E 39 1.27 -16.33 -5.86
C LEU E 39 1.09 -14.87 -5.48
N GLU E 40 2.20 -14.19 -5.20
CA GLU E 40 2.17 -12.78 -4.85
C GLU E 40 1.67 -12.00 -6.05
N PHE E 41 2.17 -12.35 -7.22
CA PHE E 41 1.77 -11.67 -8.45
C PHE E 41 0.24 -11.79 -8.66
N LEU E 42 -0.30 -12.99 -8.45
CA LEU E 42 -1.73 -13.21 -8.62
C LEU E 42 -2.49 -12.61 -7.44
N GLY E 43 -1.95 -12.77 -6.24
CA GLY E 43 -2.63 -12.25 -5.07
C GLY E 43 -2.78 -10.74 -5.14
N ASP E 44 -1.80 -10.07 -5.73
CA ASP E 44 -1.85 -8.62 -5.84
C ASP E 44 -3.09 -8.15 -6.57
N ALA E 45 -3.37 -8.75 -7.72
CA ALA E 45 -4.55 -8.38 -8.49
C ALA E 45 -5.83 -8.80 -7.77
N LEU E 46 -5.83 -9.99 -7.19
CA LEU E 46 -7.00 -10.52 -6.49
C LEU E 46 -7.43 -9.58 -5.35
N VAL E 47 -6.52 -9.36 -4.41
CA VAL E 47 -6.81 -8.52 -3.26
C VAL E 47 -7.18 -7.09 -3.70
N ASN E 48 -6.51 -6.61 -4.75
CA ASN E 48 -6.80 -5.27 -5.25
C ASN E 48 -8.27 -5.19 -5.60
N PHE E 49 -8.77 -6.26 -6.21
CA PHE E 49 -10.17 -6.32 -6.60
C PHE E 49 -11.07 -6.38 -5.36
N PHE E 50 -10.71 -7.22 -4.40
CA PHE E 50 -11.51 -7.34 -3.18
C PHE E 50 -11.68 -5.94 -2.56
N ILE E 51 -10.56 -5.24 -2.39
CA ILE E 51 -10.55 -3.90 -1.77
C ILE E 51 -11.39 -2.89 -2.54
N VAL E 52 -11.13 -2.75 -3.83
CA VAL E 52 -11.87 -1.80 -4.66
C VAL E 52 -13.37 -2.09 -4.67
N ASP E 53 -13.73 -3.36 -4.75
CA ASP E 53 -15.15 -3.71 -4.77
C ASP E 53 -15.83 -3.22 -3.50
N LEU E 54 -15.15 -3.42 -2.37
CA LEU E 54 -15.70 -3.00 -1.09
C LEU E 54 -15.73 -1.48 -1.02
N LEU E 55 -14.63 -0.85 -1.42
CA LEU E 55 -14.54 0.60 -1.40
C LEU E 55 -15.65 1.24 -2.21
N VAL E 56 -15.88 0.76 -3.42
CA VAL E 56 -16.93 1.31 -4.26
C VAL E 56 -18.35 1.12 -3.71
N GLN E 57 -18.53 0.16 -2.81
CA GLN E 57 -19.85 -0.10 -2.23
C GLN E 57 -20.10 0.70 -0.97
N TYR E 58 -19.03 0.94 -0.21
CA TYR E 58 -19.14 1.64 1.06
C TYR E 58 -18.56 3.04 1.16
N SER E 59 -17.98 3.56 0.09
CA SER E 59 -17.42 4.90 0.17
C SER E 59 -18.58 5.88 0.13
N PRO E 60 -18.54 6.92 0.96
CA PRO E 60 -19.63 7.89 0.95
C PRO E 60 -19.69 8.61 -0.39
N ASN E 61 -18.52 8.96 -0.92
CA ASN E 61 -18.41 9.67 -2.19
C ASN E 61 -17.95 8.73 -3.29
N LYS E 62 -18.75 8.61 -4.35
CA LYS E 62 -18.46 7.72 -5.48
C LYS E 62 -17.60 8.29 -6.60
N ARG E 63 -17.07 9.49 -6.42
CA ARG E 63 -16.25 10.09 -7.46
C ARG E 63 -14.84 9.52 -7.41
N GLU E 64 -14.27 9.29 -8.59
CA GLU E 64 -12.92 8.75 -8.70
C GLU E 64 -11.91 9.61 -7.95
N GLY E 65 -12.00 10.94 -8.15
CA GLY E 65 -11.10 11.84 -7.46
C GLY E 65 -11.09 11.58 -5.97
N PHE E 66 -12.21 11.08 -5.45
CA PHE E 66 -12.33 10.78 -4.02
C PHE E 66 -11.92 9.34 -3.71
N LEU E 67 -12.30 8.42 -4.59
CA LEU E 67 -11.97 7.02 -4.39
C LEU E 67 -10.48 6.73 -4.42
N SER E 68 -9.79 7.30 -5.40
CA SER E 68 -8.35 7.07 -5.57
C SER E 68 -7.44 7.22 -4.36
N PRO E 69 -7.55 8.34 -3.62
CA PRO E 69 -6.67 8.49 -2.45
C PRO E 69 -6.92 7.43 -1.39
N LEU E 70 -8.17 6.99 -1.28
CA LEU E 70 -8.56 5.98 -0.31
C LEU E 70 -7.97 4.64 -0.74
N LYS E 71 -8.15 4.31 -2.01
CA LYS E 71 -7.63 3.07 -2.57
C LYS E 71 -6.11 3.01 -2.39
N ALA E 72 -5.42 4.11 -2.66
CA ALA E 72 -3.98 4.12 -2.53
C ALA E 72 -3.59 3.67 -1.13
N TYR E 73 -4.33 4.15 -0.12
CA TYR E 73 -4.00 3.71 1.23
C TYR E 73 -4.44 2.28 1.50
N LEU E 74 -5.60 1.90 0.98
CA LEU E 74 -6.16 0.58 1.23
C LEU E 74 -5.38 -0.57 0.59
N ILE E 75 -4.62 -0.29 -0.46
CA ILE E 75 -3.83 -1.34 -1.09
C ILE E 75 -2.35 -1.09 -0.82
N SER E 76 -2.05 -0.31 0.21
CA SER E 76 -0.66 0.02 0.54
C SER E 76 -0.02 -1.00 1.45
N GLU E 77 1.31 -1.07 1.38
CA GLU E 77 2.09 -1.99 2.19
C GLU E 77 1.74 -1.80 3.67
N GLU E 78 1.56 -0.54 4.06
CA GLU E 78 1.22 -0.22 5.44
C GLU E 78 -0.10 -0.88 5.86
N PHE E 79 -1.12 -0.73 5.05
CA PHE E 79 -2.40 -1.31 5.41
C PHE E 79 -2.36 -2.83 5.36
N PHE E 80 -1.72 -3.41 4.35
CA PHE E 80 -1.65 -4.86 4.28
C PHE E 80 -0.99 -5.41 5.53
N ASN E 81 0.06 -4.74 6.01
CA ASN E 81 0.75 -5.21 7.21
C ASN E 81 -0.18 -5.16 8.41
N LEU E 82 -1.12 -4.23 8.39
CA LEU E 82 -2.07 -4.08 9.48
C LEU E 82 -2.99 -5.31 9.49
N LEU E 83 -3.50 -5.67 8.31
CA LEU E 83 -4.39 -6.82 8.21
C LEU E 83 -3.65 -8.12 8.50
N ALA E 84 -2.39 -8.21 8.05
CA ALA E 84 -1.59 -9.42 8.27
C ALA E 84 -1.34 -9.70 9.74
N GLN E 85 -1.20 -8.63 10.52
CA GLN E 85 -0.96 -8.75 11.95
C GLN E 85 -2.02 -9.56 12.64
N LYS E 86 -3.25 -9.49 12.13
CA LYS E 86 -4.35 -10.24 12.71
C LYS E 86 -4.08 -11.73 12.53
N LEU E 87 -3.31 -12.06 11.49
CA LEU E 87 -2.97 -13.44 11.20
C LEU E 87 -1.61 -13.84 11.76
N GLU E 88 -0.88 -12.88 12.31
CA GLU E 88 0.46 -13.14 12.86
C GLU E 88 1.34 -13.79 11.80
N LEU E 89 1.17 -13.39 10.56
CA LEU E 89 1.93 -13.96 9.45
C LEU E 89 3.41 -14.15 9.69
N HIS E 90 4.03 -13.19 10.36
CA HIS E 90 5.46 -13.24 10.60
C HIS E 90 5.99 -14.56 11.14
N LYS E 91 5.28 -15.20 12.06
CA LYS E 91 5.82 -16.44 12.61
C LYS E 91 5.64 -17.67 11.73
N PHE E 92 4.86 -17.54 10.67
CA PHE E 92 4.62 -18.67 9.76
C PHE E 92 5.51 -18.66 8.53
N ILE E 93 6.06 -17.49 8.19
CA ILE E 93 6.91 -17.36 7.02
C ILE E 93 8.25 -18.12 7.08
N ARG E 94 8.59 -18.82 6.00
CA ARG E 94 9.85 -19.57 5.92
C ARG E 94 10.82 -18.67 5.19
N ILE E 95 11.80 -18.14 5.92
CA ILE E 95 12.75 -17.20 5.36
C ILE E 95 14.03 -17.15 6.19
N LYS E 96 15.14 -16.77 5.57
CA LYS E 96 16.41 -16.68 6.31
C LYS E 96 16.41 -15.46 7.22
N ARG E 97 17.26 -15.52 8.24
CA ARG E 97 17.38 -14.43 9.19
C ARG E 97 17.92 -13.15 8.54
N GLY E 98 17.39 -12.01 8.99
CA GLY E 98 17.83 -10.72 8.48
C GLY E 98 17.22 -10.28 7.17
N LYS E 99 16.28 -11.05 6.64
CA LYS E 99 15.67 -10.65 5.37
C LYS E 99 14.24 -10.19 5.46
N ILE E 100 13.52 -10.60 6.49
CA ILE E 100 12.13 -10.21 6.64
C ILE E 100 11.92 -8.72 6.95
N ASN E 101 10.91 -8.15 6.31
CA ASN E 101 10.56 -6.74 6.48
C ASN E 101 9.08 -6.63 6.09
N GLU E 102 8.52 -5.43 6.14
CA GLU E 102 7.12 -5.24 5.81
C GLU E 102 6.75 -5.48 4.35
N THR E 103 7.72 -5.37 3.45
CA THR E 103 7.40 -5.62 2.05
C THR E 103 7.13 -7.11 1.93
N ILE E 104 7.91 -7.91 2.65
CA ILE E 104 7.77 -9.37 2.62
C ILE E 104 6.47 -9.79 3.25
N ILE E 105 6.17 -9.26 4.43
CA ILE E 105 4.94 -9.61 5.10
C ILE E 105 3.79 -9.27 4.16
N GLY E 106 3.95 -8.18 3.41
CA GLY E 106 2.93 -7.79 2.46
C GLY E 106 2.83 -8.80 1.33
N ASP E 107 3.97 -9.20 0.77
CA ASP E 107 3.97 -10.17 -0.32
C ASP E 107 3.29 -11.45 0.09
N VAL E 108 3.64 -11.95 1.28
CA VAL E 108 3.07 -13.19 1.77
C VAL E 108 1.57 -13.05 1.99
N PHE E 109 1.15 -11.90 2.48
CA PHE E 109 -0.28 -11.66 2.71
C PHE E 109 -1.00 -11.86 1.38
N LYS E 110 -0.46 -11.24 0.34
CA LYS E 110 -1.05 -11.37 -0.98
C LYS E 110 -1.02 -12.80 -1.49
N ALA E 111 0.13 -13.46 -1.36
CA ALA E 111 0.28 -14.84 -1.82
C ALA E 111 -0.71 -15.78 -1.15
N LEU E 112 -0.90 -15.58 0.15
CA LEU E 112 -1.83 -16.40 0.91
C LEU E 112 -3.21 -16.33 0.28
N TRP E 113 -3.65 -15.13 -0.12
CA TRP E 113 -4.98 -14.99 -0.72
C TRP E 113 -5.01 -15.66 -2.07
N ALA E 114 -3.90 -15.62 -2.78
CA ALA E 114 -3.91 -16.27 -4.08
C ALA E 114 -4.02 -17.79 -3.87
N ALA E 115 -3.39 -18.26 -2.79
CA ALA E 115 -3.40 -19.68 -2.48
C ALA E 115 -4.81 -20.17 -2.14
N VAL E 116 -5.50 -19.42 -1.29
CA VAL E 116 -6.84 -19.79 -0.91
C VAL E 116 -7.69 -19.83 -2.18
N TYR E 117 -7.56 -18.79 -3.00
CA TYR E 117 -8.30 -18.71 -4.25
C TYR E 117 -8.10 -19.95 -5.10
N ILE E 118 -6.83 -20.30 -5.32
CA ILE E 118 -6.54 -21.48 -6.12
C ILE E 118 -7.03 -22.76 -5.44
N ASP E 119 -6.74 -22.89 -4.14
CA ASP E 119 -7.16 -24.08 -3.40
C ASP E 119 -8.67 -24.30 -3.43
N SER E 120 -9.43 -23.21 -3.50
CA SER E 120 -10.88 -23.31 -3.51
C SER E 120 -11.40 -23.66 -4.90
N GLY E 121 -10.50 -23.92 -5.84
CA GLY E 121 -10.91 -24.23 -7.20
C GLY E 121 -11.18 -22.93 -7.97
N ARG E 122 -10.40 -21.90 -7.67
CA ARG E 122 -10.58 -20.60 -8.31
C ARG E 122 -12.00 -20.08 -8.16
N ASP E 123 -12.48 -20.11 -6.92
CA ASP E 123 -13.81 -19.62 -6.62
C ASP E 123 -13.61 -18.21 -6.05
N ALA E 124 -13.72 -17.21 -6.92
CA ALA E 124 -13.51 -15.83 -6.51
C ALA E 124 -14.56 -15.37 -5.49
N ASN E 125 -15.81 -15.79 -5.67
CA ASN E 125 -16.86 -15.39 -4.73
C ASN E 125 -16.56 -15.91 -3.33
N PHE E 126 -16.31 -17.21 -3.23
CA PHE E 126 -16.00 -17.78 -1.93
C PHE E 126 -14.81 -17.06 -1.27
N THR E 127 -13.71 -16.96 -2.01
CA THR E 127 -12.51 -16.30 -1.48
C THR E 127 -12.77 -14.85 -1.06
N ARG E 128 -13.54 -14.11 -1.85
CA ARG E 128 -13.86 -12.72 -1.54
C ARG E 128 -14.58 -12.65 -0.19
N GLU E 129 -15.61 -13.48 -0.03
CA GLU E 129 -16.36 -13.49 1.23
C GLU E 129 -15.47 -13.87 2.40
N LEU E 130 -14.56 -14.80 2.17
CA LEU E 130 -13.68 -15.21 3.24
C LEU E 130 -12.86 -13.98 3.62
N PHE E 131 -12.38 -13.28 2.61
CA PHE E 131 -11.58 -12.09 2.84
C PHE E 131 -12.39 -11.08 3.66
N TYR E 132 -13.62 -10.81 3.22
CA TYR E 132 -14.44 -9.84 3.93
C TYR E 132 -14.73 -10.26 5.34
N LYS E 133 -15.01 -11.54 5.54
CA LYS E 133 -15.33 -12.01 6.89
C LYS E 133 -14.23 -11.63 7.86
N LEU E 134 -12.99 -11.70 7.40
CA LEU E 134 -11.86 -11.36 8.26
C LEU E 134 -11.54 -9.87 8.31
N PHE E 135 -11.65 -9.18 7.18
CA PHE E 135 -11.18 -7.79 7.15
C PHE E 135 -12.22 -6.71 6.78
N LYS E 136 -13.44 -7.06 6.45
CA LYS E 136 -14.43 -6.05 6.10
C LYS E 136 -14.47 -4.92 7.11
N GLU E 137 -14.53 -5.26 8.39
CA GLU E 137 -14.60 -4.24 9.42
C GLU E 137 -13.40 -3.30 9.43
N ASP E 138 -12.20 -3.86 9.35
CA ASP E 138 -11.01 -3.03 9.35
C ASP E 138 -11.02 -2.10 8.15
N ILE E 139 -11.56 -2.58 7.03
CA ILE E 139 -11.61 -1.75 5.84
C ILE E 139 -12.64 -0.65 5.96
N LEU E 140 -13.84 -0.98 6.42
CA LEU E 140 -14.90 0.01 6.57
C LEU E 140 -14.46 1.11 7.53
N SER E 141 -13.74 0.74 8.59
CA SER E 141 -13.26 1.72 9.55
C SER E 141 -12.32 2.69 8.87
N ALA E 142 -11.37 2.16 8.09
CA ALA E 142 -10.43 3.01 7.40
C ALA E 142 -11.17 3.95 6.45
N ILE E 143 -12.18 3.42 5.77
CA ILE E 143 -12.96 4.22 4.84
C ILE E 143 -13.75 5.29 5.59
N LYS E 144 -14.20 4.95 6.79
CA LYS E 144 -14.96 5.90 7.59
C LYS E 144 -14.08 7.05 8.05
N GLU E 145 -12.87 6.73 8.52
CA GLU E 145 -11.95 7.75 8.99
C GLU E 145 -11.28 8.44 7.82
N GLY E 146 -11.59 8.00 6.61
CA GLY E 146 -10.99 8.59 5.43
C GLY E 146 -9.47 8.62 5.47
N ARG E 147 -8.85 7.49 5.83
CA ARG E 147 -7.39 7.40 5.89
C ARG E 147 -6.80 7.49 4.48
N VAL E 148 -5.70 8.21 4.35
CA VAL E 148 -5.04 8.34 3.06
C VAL E 148 -3.54 8.52 3.24
N LYS E 149 -2.80 8.32 2.16
CA LYS E 149 -1.35 8.48 2.17
C LYS E 149 -1.11 9.99 2.23
N LYS E 150 -0.46 10.47 3.28
CA LYS E 150 -0.18 11.89 3.38
C LYS E 150 0.50 12.32 2.08
N ASP E 151 0.18 13.52 1.61
CA ASP E 151 0.79 14.03 0.38
C ASP E 151 2.13 14.70 0.68
N TYR E 152 2.88 15.00 -0.38
CA TYR E 152 4.19 15.63 -0.24
C TYR E 152 4.18 16.98 0.49
N LYS E 153 3.33 17.91 0.07
CA LYS E 153 3.28 19.21 0.75
C LYS E 153 3.06 19.04 2.25
N THR E 154 2.15 18.15 2.61
CA THR E 154 1.86 17.87 4.01
C THR E 154 3.08 17.25 4.70
N ILE E 155 3.70 16.29 4.04
CA ILE E 155 4.88 15.63 4.60
C ILE E 155 6.01 16.63 4.79
N LEU E 156 6.23 17.49 3.80
CA LEU E 156 7.29 18.48 3.88
C LEU E 156 7.07 19.37 5.10
N GLN E 157 5.87 19.92 5.23
CA GLN E 157 5.57 20.80 6.33
C GLN E 157 5.86 20.16 7.68
N GLU E 158 5.40 18.92 7.88
CA GLU E 158 5.61 18.24 9.13
C GLU E 158 7.10 18.11 9.42
N ILE E 159 7.89 17.92 8.37
CA ILE E 159 9.33 17.78 8.51
C ILE E 159 9.96 19.10 8.95
N THR E 160 9.79 20.13 8.13
CA THR E 160 10.35 21.44 8.43
C THR E 160 9.84 22.07 9.72
N GLN E 161 8.60 21.77 10.09
CA GLN E 161 8.03 22.33 11.31
C GLN E 161 8.58 21.65 12.56
N LYS E 162 9.02 20.41 12.41
CA LYS E 162 9.57 19.68 13.54
C LYS E 162 11.04 20.04 13.75
N ARG E 163 11.81 19.97 12.67
CA ARG E 163 13.24 20.26 12.69
C ARG E 163 13.59 21.75 12.76
N TRP E 164 12.63 22.62 12.47
CA TRP E 164 12.92 24.06 12.49
C TRP E 164 11.75 24.93 12.94
N LYS E 165 10.62 24.31 13.29
CA LYS E 165 9.45 25.07 13.70
C LYS E 165 9.16 26.13 12.63
N GLU E 166 9.37 25.75 11.38
CA GLU E 166 9.14 26.65 10.25
C GLU E 166 8.47 25.92 9.10
N ARG E 167 7.81 26.68 8.24
CA ARG E 167 7.12 26.11 7.09
C ARG E 167 7.84 26.46 5.80
N PRO E 168 7.86 25.54 4.83
CA PRO E 168 8.56 25.82 3.57
C PRO E 168 7.87 26.93 2.78
N GLU E 169 8.59 27.49 1.82
CA GLU E 169 8.05 28.54 0.98
C GLU E 169 7.98 28.05 -0.45
N TYR E 170 6.89 28.39 -1.12
CA TYR E 170 6.67 28.01 -2.51
C TYR E 170 6.55 29.29 -3.32
N ARG E 171 7.15 29.31 -4.50
CA ARG E 171 7.05 30.50 -5.34
C ARG E 171 7.09 30.12 -6.80
N LEU E 172 6.28 30.81 -7.59
CA LEU E 172 6.19 30.55 -9.02
C LEU E 172 7.38 31.11 -9.78
N ILE E 173 8.10 30.23 -10.46
CA ILE E 173 9.25 30.63 -11.25
C ILE E 173 8.82 31.03 -12.66
N SER E 174 7.99 30.21 -13.30
CA SER E 174 7.53 30.50 -14.65
C SER E 174 6.32 29.69 -15.09
N VAL E 175 5.69 30.13 -16.18
CA VAL E 175 4.53 29.48 -16.75
C VAL E 175 4.71 29.42 -18.27
N GLU E 176 4.61 28.22 -18.84
CA GLU E 176 4.78 28.05 -20.28
C GLU E 176 3.59 27.39 -20.94
N GLY E 177 3.70 27.20 -22.24
CA GLY E 177 2.71 26.49 -23.03
C GLY E 177 1.40 27.26 -23.32
N PRO E 178 0.53 26.65 -24.13
CA PRO E 178 -0.76 27.22 -24.51
C PRO E 178 -1.55 27.55 -23.25
N HIS E 179 -2.39 28.57 -23.31
CA HIS E 179 -3.18 29.00 -22.16
C HIS E 179 -4.09 27.92 -21.58
N HIS E 180 -4.52 26.99 -22.41
CA HIS E 180 -5.39 25.92 -21.95
C HIS E 180 -4.56 24.70 -21.58
N LYS E 181 -3.24 24.85 -21.61
CA LYS E 181 -2.33 23.75 -21.29
C LYS E 181 -1.00 24.32 -20.80
N LYS E 182 -1.10 25.18 -19.79
CA LYS E 182 0.08 25.82 -19.23
C LYS E 182 0.98 24.85 -18.47
N LYS E 183 2.26 25.17 -18.43
CA LYS E 183 3.24 24.36 -17.72
C LYS E 183 3.77 25.26 -16.60
N PHE E 184 3.54 24.85 -15.36
CA PHE E 184 3.97 25.61 -14.20
C PHE E 184 5.24 25.07 -13.56
N ILE E 185 6.16 25.98 -13.25
CA ILE E 185 7.41 25.61 -12.58
C ILE E 185 7.41 26.36 -11.26
N VAL E 186 7.53 25.60 -10.17
CA VAL E 186 7.52 26.19 -8.84
C VAL E 186 8.69 25.73 -7.99
N GLU E 187 9.17 26.62 -7.12
CA GLU E 187 10.29 26.30 -6.23
C GLU E 187 9.82 26.18 -4.79
N ALA E 188 10.34 25.15 -4.11
CA ALA E 188 10.02 24.93 -2.71
C ALA E 188 11.30 25.26 -1.96
N LYS E 189 11.19 26.05 -0.89
CA LYS E 189 12.38 26.42 -0.13
C LYS E 189 12.25 26.33 1.38
N ILE E 190 13.36 25.95 2.01
CA ILE E 190 13.46 25.86 3.45
C ILE E 190 14.94 26.10 3.73
N LYS E 191 15.25 27.14 4.52
CA LYS E 191 16.63 27.48 4.81
C LYS E 191 17.27 27.78 3.45
N GLU E 192 18.39 27.14 3.16
CA GLU E 192 19.04 27.36 1.88
C GLU E 192 18.72 26.25 0.89
N TYR E 193 18.01 25.22 1.37
CA TYR E 193 17.62 24.11 0.52
C TYR E 193 16.59 24.61 -0.48
N ARG E 194 16.77 24.27 -1.76
CA ARG E 194 15.85 24.69 -2.80
C ARG E 194 15.68 23.57 -3.82
N THR E 195 14.45 23.42 -4.32
CA THR E 195 14.12 22.42 -5.33
C THR E 195 13.04 22.97 -6.26
N LEU E 196 12.98 22.46 -7.48
CA LEU E 196 11.99 22.88 -8.44
C LEU E 196 11.02 21.75 -8.74
N GLY E 197 9.88 22.10 -9.30
CA GLY E 197 8.88 21.10 -9.64
C GLY E 197 7.98 21.67 -10.71
N GLU E 198 7.59 20.84 -11.68
CA GLU E 198 6.72 21.31 -12.74
C GLU E 198 5.41 20.54 -12.75
N GLY E 199 4.36 21.17 -13.25
CA GLY E 199 3.06 20.52 -13.29
C GLY E 199 2.08 21.26 -14.18
N LYS E 200 0.86 20.73 -14.29
CA LYS E 200 -0.17 21.32 -15.12
C LYS E 200 -1.00 22.33 -14.33
N SER E 201 -0.67 22.48 -13.06
CA SER E 201 -1.35 23.41 -12.18
C SER E 201 -0.35 23.81 -11.11
N LYS E 202 -0.55 24.98 -10.51
CA LYS E 202 0.36 25.45 -9.48
C LYS E 202 0.43 24.43 -8.36
N LYS E 203 -0.74 23.91 -7.99
CA LYS E 203 -0.85 22.91 -6.93
C LYS E 203 0.06 21.73 -7.22
N GLU E 204 -0.07 21.18 -8.43
CA GLU E 204 0.73 20.03 -8.84
C GLU E 204 2.22 20.36 -8.83
N ALA E 205 2.58 21.52 -9.38
CA ALA E 205 3.97 21.92 -9.41
C ALA E 205 4.53 21.92 -8.00
N GLU E 206 3.83 22.58 -7.08
CA GLU E 206 4.26 22.64 -5.68
C GLU E 206 4.43 21.23 -5.12
N GLN E 207 3.47 20.34 -5.42
CA GLN E 207 3.56 18.96 -4.93
C GLN E 207 4.89 18.35 -5.37
N ARG E 208 5.22 18.46 -6.65
CA ARG E 208 6.46 17.87 -7.12
C ARG E 208 7.67 18.54 -6.50
N ALA E 209 7.64 19.87 -6.36
CA ALA E 209 8.74 20.59 -5.75
C ALA E 209 8.91 20.09 -4.31
N ALA E 210 7.79 19.85 -3.64
CA ALA E 210 7.85 19.36 -2.27
C ALA E 210 8.46 17.96 -2.22
N GLU E 211 8.07 17.13 -3.17
CA GLU E 211 8.58 15.77 -3.25
C GLU E 211 10.11 15.79 -3.31
N GLU E 212 10.64 16.58 -4.23
CA GLU E 212 12.08 16.70 -4.38
C GLU E 212 12.76 17.24 -3.12
N LEU E 213 12.23 18.32 -2.57
CA LEU E 213 12.82 18.91 -1.38
C LEU E 213 12.91 17.91 -0.24
N ILE E 214 11.92 17.03 -0.15
CA ILE E 214 11.90 16.01 0.90
C ILE E 214 13.09 15.09 0.69
N LYS E 215 13.34 14.71 -0.55
CA LYS E 215 14.46 13.84 -0.88
C LYS E 215 15.74 14.56 -0.51
N LEU E 216 15.94 15.74 -1.08
CA LEU E 216 17.12 16.55 -0.82
C LEU E 216 17.43 16.60 0.66
N LEU E 217 16.45 16.99 1.47
CA LEU E 217 16.63 17.07 2.92
C LEU E 217 17.06 15.71 3.48
N GLU E 218 16.27 14.69 3.17
CA GLU E 218 16.53 13.33 3.65
C GLU E 218 17.95 12.87 3.36
N GLU E 219 18.55 13.41 2.30
CA GLU E 219 19.90 13.06 1.91
C GLU E 219 20.96 13.81 2.71
N SER E 220 20.68 15.07 2.98
CA SER E 220 21.61 15.92 3.73
C SER E 220 21.37 15.82 5.24
#